data_4Y1I
#
_entry.id   4Y1I
#
_cell.length_a   67.285
_cell.length_b   127.881
_cell.length_c   115.324
_cell.angle_alpha   90.00
_cell.angle_beta   93.37
_cell.angle_gamma   90.00
#
_symmetry.space_group_name_H-M   'C 1 2 1'
#
loop_
_entity.id
_entity.type
_entity.pdbx_description
1 polymer 'Lactococcus lactis yybP-ykoY riboswitch'
2 non-polymer "GUANOSINE-5'-TRIPHOSPHATE"
3 non-polymer 'MAGNESIUM ION'
4 non-polymer 'BARIUM ION'
5 non-polymer 'MANGANESE (II) ION'
6 water water
#
_entity_poly.entity_id   1
_entity_poly.type   'polyribonucleotide'
_entity_poly.pdbx_seq_one_letter_code
;AAAGGGGAGUAGCGUCGGGAAACCGAAACAAAGUCGUCAAUUCGUGAGGAAACUCACCGGCUUUGUUGACAUACGAAAGU
AUGUUUAGCAAGACCUUUCC
;
_entity_poly.pdbx_strand_id   A,B
#